data_4Y88
#
_entry.id   4Y88
#
_cell.length_a   94.336
_cell.length_b   94.336
_cell.length_c   94.336
_cell.angle_alpha   90.000
_cell.angle_beta   90.000
_cell.angle_gamma   90.000
#
_symmetry.space_group_name_H-M   'P 41 3 2'
#
loop_
_entity.id
_entity.type
_entity.pdbx_description
1 polymer 'Carcinoembryonic antigen-related cell adhesion molecule 8'
2 non-polymer 'SULFATE ION'
3 non-polymer GLYCEROL
4 non-polymer 'CHLORIDE ION'
5 non-polymer 1,3-PROPANDIOL
6 water water
#
_entity_poly.entity_id   1
_entity_poly.type   'polypeptide(L)'
_entity_poly.pdbx_seq_one_letter_code
;AQLTIEAVPSNAAEGKEVLLLVHNLPQDPRGYNWYKGETVDANRRIIGYVISNQQITPGPAYSNRETIYPNASLLMRNVT
RNDTGSYTLQVIKLNLMSEEVTGQFSVH
;
_entity_poly.pdbx_strand_id   A
#
# COMPACT_ATOMS: atom_id res chain seq x y z
N ALA A 1 -16.58 7.96 -5.27
CA ALA A 1 -17.03 6.55 -5.33
C ALA A 1 -15.86 5.60 -5.63
N GLN A 2 -14.97 5.98 -6.56
CA GLN A 2 -13.91 5.09 -6.96
C GLN A 2 -12.70 5.09 -6.01
N LEU A 3 -12.20 3.90 -5.71
CA LEU A 3 -11.03 3.72 -4.86
C LEU A 3 -9.87 4.48 -5.49
N THR A 4 -9.15 5.27 -4.70
CA THR A 4 -7.98 6.01 -5.21
C THR A 4 -6.81 5.91 -4.22
N ILE A 5 -5.62 6.08 -4.77
CA ILE A 5 -4.41 6.24 -3.97
C ILE A 5 -3.89 7.66 -4.24
N GLU A 6 -3.45 8.30 -3.16
CA GLU A 6 -2.82 9.63 -3.21
C GLU A 6 -1.46 9.55 -2.55
N ALA A 7 -0.40 9.67 -3.35
CA ALA A 7 0.95 9.65 -2.83
C ALA A 7 1.31 11.02 -2.30
N VAL A 8 1.74 11.08 -1.05
CA VAL A 8 2.09 12.33 -0.41
C VAL A 8 3.51 12.24 0.17
N PRO A 9 4.50 12.91 -0.44
CA PRO A 9 4.44 13.57 -1.74
C PRO A 9 4.57 12.57 -2.89
N SER A 10 4.36 13.00 -4.12
CA SER A 10 4.56 12.13 -5.29
C SER A 10 6.01 12.06 -5.69
N ASN A 11 6.81 13.05 -5.27
CA ASN A 11 8.26 13.04 -5.53
CA ASN A 11 8.23 13.10 -5.55
C ASN A 11 8.97 13.38 -4.25
N ALA A 12 9.65 12.39 -3.72
CA ALA A 12 10.31 12.47 -2.43
C ALA A 12 11.80 12.51 -2.61
N ALA A 13 12.46 13.10 -1.63
CA ALA A 13 13.89 13.02 -1.51
C ALA A 13 14.34 11.80 -0.73
N GLU A 14 15.52 11.31 -1.07
CA GLU A 14 16.14 10.21 -0.35
C GLU A 14 16.17 10.47 1.15
N GLY A 15 15.75 9.44 1.90
CA GLY A 15 15.76 9.45 3.35
C GLY A 15 14.51 10.02 4.00
N LYS A 16 13.60 10.53 3.17
CA LYS A 16 12.36 11.15 3.68
C LYS A 16 11.22 10.13 3.70
N GLU A 17 10.02 10.59 4.07
CA GLU A 17 8.85 9.71 4.24
C GLU A 17 7.86 9.90 3.09
N VAL A 18 7.19 8.80 2.70
CA VAL A 18 6.12 8.85 1.74
C VAL A 18 4.89 8.20 2.36
N LEU A 19 3.74 8.84 2.16
CA LEU A 19 2.43 8.26 2.54
C LEU A 19 1.67 7.88 1.28
N LEU A 20 1.17 6.64 1.24
CA LEU A 20 0.21 6.25 0.21
C LEU A 20 -1.16 6.24 0.84
N LEU A 21 -1.89 7.33 0.66
CA LEU A 21 -3.20 7.48 1.26
C LEU A 21 -4.26 6.84 0.39
N VAL A 22 -5.18 6.13 1.04
CA VAL A 22 -6.23 5.41 0.37
C VAL A 22 -7.54 6.14 0.60
N HIS A 23 -8.25 6.41 -0.50
CA HIS A 23 -9.56 7.04 -0.45
C HIS A 23 -10.66 6.15 -1.01
N ASN A 24 -11.86 6.31 -0.44
CA ASN A 24 -13.08 5.67 -0.97
C ASN A 24 -13.07 4.16 -0.82
N LEU A 25 -12.65 3.70 0.35
CA LEU A 25 -12.84 2.29 0.71
C LEU A 25 -14.34 1.94 0.71
N PRO A 26 -14.66 0.68 0.37
CA PRO A 26 -16.01 0.21 0.71
C PRO A 26 -16.17 0.18 2.20
N GLN A 27 -17.44 0.18 2.62
CA GLN A 27 -17.74 -0.15 3.95
C GLN A 27 -17.55 -1.70 4.05
N ASP A 28 -17.14 -2.04 5.22
CA ASP A 28 -17.09 -3.39 5.64
C ASP A 28 -16.13 -4.26 4.86
N PRO A 29 -14.93 -3.75 4.49
CA PRO A 29 -13.98 -4.67 3.90
C PRO A 29 -13.47 -5.69 4.90
N ARG A 30 -12.97 -6.81 4.37
CA ARG A 30 -12.36 -7.83 5.21
C ARG A 30 -10.87 -7.62 5.44
N GLY A 31 -10.22 -6.92 4.53
CA GLY A 31 -8.79 -6.72 4.64
C GLY A 31 -8.18 -6.08 3.42
N TYR A 32 -6.87 -5.88 3.51
CA TYR A 32 -6.10 -5.24 2.46
C TYR A 32 -4.78 -5.93 2.28
N ASN A 33 -4.23 -5.77 1.09
CA ASN A 33 -2.85 -6.12 0.83
C ASN A 33 -2.20 -5.10 -0.11
N TRP A 34 -0.96 -4.77 0.17
CA TRP A 34 -0.14 -3.96 -0.72
C TRP A 34 0.88 -4.84 -1.45
N TYR A 35 1.10 -4.52 -2.71
CA TYR A 35 2.05 -5.17 -3.59
C TYR A 35 2.95 -4.17 -4.26
N LYS A 36 4.23 -4.53 -4.44
CA LYS A 36 5.05 -3.76 -5.36
C LYS A 36 4.64 -4.11 -6.78
N GLY A 37 4.54 -3.08 -7.62
CA GLY A 37 4.16 -3.24 -9.01
C GLY A 37 2.70 -2.97 -9.25
N GLU A 38 2.18 -3.52 -10.36
CA GLU A 38 0.89 -3.14 -10.94
C GLU A 38 -0.23 -4.14 -10.72
N THR A 39 0.09 -5.30 -10.14
CA THR A 39 -0.87 -6.38 -10.00
C THR A 39 -0.76 -7.12 -8.67
N VAL A 40 -1.81 -7.87 -8.35
CA VAL A 40 -1.76 -8.83 -7.27
C VAL A 40 -0.79 -9.94 -7.67
N ASP A 41 0.29 -10.08 -6.91
CA ASP A 41 1.35 -11.03 -7.21
C ASP A 41 1.92 -11.45 -5.87
N ALA A 42 1.64 -12.68 -5.46
CA ALA A 42 2.00 -13.13 -4.11
C ALA A 42 3.47 -12.92 -3.77
N ASN A 43 4.34 -13.10 -4.76
CA ASN A 43 5.79 -12.94 -4.55
C ASN A 43 6.22 -11.50 -4.33
N ARG A 44 5.34 -10.54 -4.67
CA ARG A 44 5.63 -9.13 -4.51
C ARG A 44 4.76 -8.46 -3.45
N ARG A 45 4.11 -9.26 -2.62
CA ARG A 45 3.25 -8.71 -1.55
C ARG A 45 4.14 -8.10 -0.46
N ILE A 46 3.90 -6.84 -0.18
CA ILE A 46 4.62 -6.09 0.87
C ILE A 46 4.08 -6.39 2.29
N ILE A 47 2.78 -6.18 2.46
CA ILE A 47 2.15 -6.24 3.79
C ILE A 47 0.64 -6.17 3.59
N GLY A 48 -0.09 -6.78 4.51
CA GLY A 48 -1.52 -6.67 4.55
C GLY A 48 -2.05 -6.51 5.96
N TYR A 49 -3.36 -6.46 6.03
CA TYR A 49 -4.07 -6.29 7.28
C TYR A 49 -5.39 -7.04 7.19
N VAL A 50 -5.63 -7.90 8.16
CA VAL A 50 -6.89 -8.66 8.25
C VAL A 50 -7.73 -8.04 9.35
N ILE A 51 -8.87 -7.49 8.97
CA ILE A 51 -9.64 -6.67 9.90
C ILE A 51 -10.23 -7.48 11.06
N SER A 52 -10.74 -8.66 10.78
CA SER A 52 -11.45 -9.43 11.80
C SER A 52 -10.59 -9.63 13.03
N ASN A 53 -9.29 -9.89 12.86
CA ASN A 53 -8.45 -10.00 14.09
C ASN A 53 -7.29 -9.06 14.15
N GLN A 54 -7.43 -7.95 13.44
CA GLN A 54 -6.42 -6.90 13.39
C GLN A 54 -5.02 -7.49 13.28
N GLN A 55 -4.87 -8.40 12.34
CA GLN A 55 -3.60 -9.07 12.12
C GLN A 55 -2.89 -8.41 10.95
N ILE A 56 -1.68 -7.93 11.24
CA ILE A 56 -0.78 -7.44 10.20
C ILE A 56 -0.04 -8.64 9.60
N THR A 57 0.03 -8.66 8.26
CA THR A 57 0.57 -9.79 7.51
C THR A 57 1.75 -9.38 6.62
N PRO A 58 2.97 -9.30 7.20
CA PRO A 58 4.09 -8.93 6.35
C PRO A 58 4.29 -10.00 5.26
N GLY A 59 4.62 -9.54 4.06
CA GLY A 59 4.82 -10.40 2.92
C GLY A 59 6.28 -10.52 2.50
N PRO A 60 6.54 -11.25 1.39
CA PRO A 60 7.93 -11.44 0.93
C PRO A 60 8.69 -10.13 0.64
N ALA A 61 7.97 -9.08 0.29
CA ALA A 61 8.57 -7.79 -0.05
C ALA A 61 8.52 -6.80 1.11
N TYR A 62 8.18 -7.28 2.31
CA TYR A 62 8.15 -6.44 3.49
C TYR A 62 9.50 -5.80 3.82
N SER A 63 9.43 -4.54 4.24
CA SER A 63 10.55 -3.81 4.82
C SER A 63 10.07 -3.23 6.15
N ASN A 64 10.94 -3.30 7.14
CA ASN A 64 10.63 -2.64 8.41
C ASN A 64 10.49 -1.11 8.29
N ARG A 65 10.78 -0.55 7.12
CA ARG A 65 10.48 0.87 6.87
C ARG A 65 8.98 1.17 6.72
N GLU A 66 8.16 0.13 6.55
CA GLU A 66 6.76 0.30 6.25
C GLU A 66 5.85 0.01 7.41
N THR A 67 4.76 0.79 7.49
CA THR A 67 3.68 0.57 8.46
C THR A 67 2.35 0.71 7.73
N ILE A 68 1.46 -0.27 7.90
CA ILE A 68 0.11 -0.20 7.35
C ILE A 68 -0.85 0.26 8.42
N TYR A 69 -1.78 1.13 7.99
CA TYR A 69 -2.76 1.73 8.88
C TYR A 69 -4.13 1.07 8.69
N PRO A 70 -5.02 1.19 9.68
CA PRO A 70 -6.32 0.54 9.61
C PRO A 70 -7.21 0.98 8.44
N ASN A 71 -6.96 2.19 7.91
CA ASN A 71 -7.72 2.66 6.74
C ASN A 71 -7.06 2.27 5.41
N ALA A 72 -6.10 1.33 5.48
CA ALA A 72 -5.36 0.75 4.35
C ALA A 72 -4.19 1.57 3.89
N SER A 73 -4.02 2.78 4.42
CA SER A 73 -2.93 3.63 3.95
C SER A 73 -1.57 3.07 4.40
N LEU A 74 -0.56 3.38 3.62
CA LEU A 74 0.81 2.88 3.84
C LEU A 74 1.76 4.03 4.12
N LEU A 75 2.53 3.90 5.18
CA LEU A 75 3.59 4.85 5.51
C LEU A 75 4.92 4.16 5.21
N MET A 76 5.77 4.80 4.40
N MET A 76 5.80 4.88 4.51
CA MET A 76 7.10 4.30 4.12
CA MET A 76 7.09 4.37 4.10
C MET A 76 8.12 5.33 4.60
C MET A 76 8.18 5.32 4.54
N ARG A 77 8.95 4.89 5.54
CA ARG A 77 10.06 5.70 6.07
C ARG A 77 11.34 5.52 5.24
N ASN A 78 12.22 6.53 5.30
CA ASN A 78 13.59 6.40 4.85
CA ASN A 78 13.60 6.37 4.85
C ASN A 78 13.67 5.88 3.41
N VAL A 79 12.94 6.55 2.54
CA VAL A 79 12.82 6.08 1.16
C VAL A 79 14.14 6.22 0.38
N THR A 80 14.28 5.37 -0.61
CA THR A 80 15.45 5.33 -1.48
C THR A 80 15.01 5.32 -2.93
N ARG A 81 15.96 5.57 -3.82
CA ARG A 81 15.70 5.62 -5.25
C ARG A 81 15.03 4.33 -5.72
N ASN A 82 15.43 3.20 -5.15
CA ASN A 82 14.84 1.90 -5.52
C ASN A 82 13.36 1.74 -5.17
N ASP A 83 12.85 2.57 -4.26
CA ASP A 83 11.42 2.56 -3.97
C ASP A 83 10.57 3.17 -5.09
N THR A 84 11.20 3.89 -6.01
CA THR A 84 10.49 4.50 -7.12
C THR A 84 9.73 3.43 -7.87
N GLY A 85 8.46 3.68 -8.16
CA GLY A 85 7.68 2.74 -8.98
C GLY A 85 6.23 2.71 -8.58
N SER A 86 5.57 1.65 -9.02
CA SER A 86 4.16 1.46 -8.80
C SER A 86 3.91 0.59 -7.59
N TYR A 87 2.78 0.85 -6.96
CA TYR A 87 2.30 0.12 -5.76
C TYR A 87 0.85 -0.17 -5.96
N THR A 88 0.43 -1.41 -5.69
CA THR A 88 -0.97 -1.82 -5.90
C THR A 88 -1.60 -2.23 -4.58
N LEU A 89 -2.79 -1.68 -4.34
CA LEU A 89 -3.61 -2.01 -3.21
C LEU A 89 -4.73 -2.95 -3.66
N GLN A 90 -4.85 -4.06 -2.95
CA GLN A 90 -5.98 -4.98 -3.05
C GLN A 90 -6.86 -4.79 -1.83
N VAL A 91 -8.13 -4.48 -2.06
CA VAL A 91 -9.12 -4.45 -1.00
C VAL A 91 -9.99 -5.70 -1.17
N ILE A 92 -10.05 -6.50 -0.11
CA ILE A 92 -10.89 -7.68 -0.03
C ILE A 92 -12.23 -7.25 0.55
N LYS A 93 -13.27 -7.36 -0.27
CA LYS A 93 -14.60 -6.88 0.05
C LYS A 93 -15.33 -7.89 0.96
N LEU A 94 -16.43 -7.45 1.54
CA LEU A 94 -17.25 -8.30 2.39
C LEU A 94 -17.60 -9.66 1.74
N ASN A 95 -17.93 -9.63 0.44
CA ASN A 95 -18.30 -10.83 -0.30
C ASN A 95 -17.10 -11.62 -0.87
N LEU A 96 -15.89 -11.30 -0.41
CA LEU A 96 -14.67 -12.00 -0.77
C LEU A 96 -14.20 -11.76 -2.20
N MET A 97 -14.84 -10.86 -2.92
CA MET A 97 -14.24 -10.35 -4.15
CA MET A 97 -14.30 -10.28 -4.15
C MET A 97 -13.16 -9.34 -3.78
N SER A 98 -12.22 -9.16 -4.68
CA SER A 98 -11.13 -8.21 -4.50
C SER A 98 -11.25 -7.08 -5.53
N GLU A 99 -10.90 -5.86 -5.12
CA GLU A 99 -10.72 -4.74 -6.05
C GLU A 99 -9.35 -4.15 -5.86
N GLU A 100 -8.77 -3.68 -6.98
CA GLU A 100 -7.40 -3.19 -6.97
C GLU A 100 -7.35 -1.76 -7.49
N VAL A 101 -6.36 -1.04 -6.99
CA VAL A 101 -6.00 0.26 -7.51
C VAL A 101 -4.47 0.36 -7.45
N THR A 102 -3.88 1.07 -8.41
CA THR A 102 -2.44 1.19 -8.53
C THR A 102 -2.07 2.66 -8.52
N GLY A 103 -1.10 2.98 -7.68
CA GLY A 103 -0.52 4.31 -7.61
C GLY A 103 0.98 4.27 -7.82
N GLN A 104 1.63 5.43 -7.76
CA GLN A 104 3.07 5.47 -7.96
C GLN A 104 3.69 6.68 -7.27
N PHE A 105 4.99 6.56 -6.98
CA PHE A 105 5.76 7.73 -6.59
C PHE A 105 7.19 7.56 -7.03
N SER A 106 7.94 8.66 -6.95
CA SER A 106 9.34 8.65 -7.30
C SER A 106 10.16 9.20 -6.16
N VAL A 107 11.41 8.73 -6.11
CA VAL A 107 12.38 9.17 -5.13
C VAL A 107 13.65 9.62 -5.88
N HIS A 108 14.17 10.78 -5.54
CA HIS A 108 15.36 11.32 -6.21
CA HIS A 108 15.37 11.28 -6.21
C HIS A 108 16.44 11.59 -5.20
#